data_1L2C
#
_entry.id   1L2C
#
_cell.length_a   45.219
_cell.length_b   95.005
_cell.length_c   103.552
_cell.angle_alpha   90
_cell.angle_beta   90
_cell.angle_gamma   90
#
_symmetry.space_group_name_H-M   'P 21 21 21'
#
loop_
_entity.id
_entity.type
_entity.pdbx_description
1 polymer "5'-D(*AP*G*GP*TP*AP*GP*AP*CP*TP*TP*GP*GP*AP*CP*GP*C)-3'"
2 polymer "5'-D(*TP*GP*C*GP*TP*CP*CP*AP*(HPD)P*GP*TP*CP*TP*AP*CP*C)-3'"
3 polymer MutM
4 non-polymer 'ZINC ION'
5 water water
#
loop_
_entity_poly.entity_id
_entity_poly.type
_entity_poly.pdbx_seq_one_letter_code
_entity_poly.pdbx_strand_id
1 'polydeoxyribonucleotide' (DA)(DG)(DG)(DT)(DA)(DG)(DA)(DC)(DT)(DT)(DG)(DG)(DA)(DC)(DG)(DC) B
2 'polydeoxyribonucleotide' (DT)(DG)(DC)(DG)(DT)(DC)(DC)(DA)(HPD)(DG)(DT)(DC)(DT)(DA)(DC)(DC) C
3 'polypeptide(L)'
;MPELPEVETIRRTLLPLIVGKTIEDVRIFWPNIIRHPRDSEAFAARMIGQTVRGLERRGKFLKFLLDRDALISHLRMEGR
YAVASALEPLEPHTHVVFCFTDGSELRYRDVRKFGTMHVYAKEEADRRPPLAELGPEPLSPAFSPAVLAERAVKTKRSVK
ALLLDQTVVAGFGNIYVDESLFRAGILPGRPAASLSSKEIERLHEEMVATIGEAVMKGGSTVRTYVNTQGEAGTFQHHLY
VYGRQGNPCKRCGTPIEKTVVAGRGTHYCPRCQR
;
A
#
loop_
_chem_comp.id
_chem_comp.type
_chem_comp.name
_chem_comp.formula
DA DNA linking 2'-DEOXYADENOSINE-5'-MONOPHOSPHATE 'C10 H14 N5 O6 P'
DC DNA linking 2'-DEOXYCYTIDINE-5'-MONOPHOSPHATE 'C9 H14 N3 O7 P'
DG DNA linking 2'-DEOXYGUANOSINE-5'-MONOPHOSPHATE 'C10 H14 N5 O7 P'
DT DNA linking THYMIDINE-5'-MONOPHOSPHATE 'C10 H15 N2 O8 P'
HPD non-polymer 1-HYDROXY-PENTANE-3,4-DIOL-5-PHOSPHATE 'C5 H13 O7 P'
ZN non-polymer 'ZINC ION' 'Zn 2'
#
# COMPACT_ATOMS: atom_id res chain seq x y z
P HPD B 9 1.71 5.26 11.17
O5' HPD B 9 1.32 4.50 9.82
O1P HPD B 9 1.99 4.25 12.23
O2P HPD B 9 2.74 6.30 10.85
C5' HPD B 9 0.58 3.29 9.85
O4' HPD B 9 -0.12 1.38 8.51
O3' HPD B 9 1.00 2.72 6.15
C1' HPD B 9 -1.55 4.66 7.57
O1' HPD B 9 -2.30 4.52 8.81
C3' HPD B 9 0.41 3.34 7.29
C4' HPD B 9 0.74 2.54 8.54
C2' HPD B 9 -1.10 3.26 7.19
N PRO C 2 -3.15 2.32 4.75
CA PRO C 2 -3.26 1.01 4.06
C PRO C 2 -1.95 0.57 3.40
N GLU C 3 -1.51 -0.63 3.76
CA GLU C 3 -0.28 -1.20 3.22
C GLU C 3 -0.68 -2.34 2.28
N LEU C 4 0.29 -3.06 1.74
CA LEU C 4 -0.03 -4.13 0.81
C LEU C 4 -1.17 -5.05 1.21
N PRO C 5 -1.18 -5.54 2.46
CA PRO C 5 -2.26 -6.44 2.89
C PRO C 5 -3.67 -5.83 2.84
N GLU C 6 -3.80 -4.57 3.25
CA GLU C 6 -5.10 -3.91 3.22
C GLU C 6 -5.55 -3.61 1.77
N VAL C 7 -4.65 -3.07 0.95
CA VAL C 7 -4.94 -2.76 -0.44
C VAL C 7 -5.33 -4.03 -1.21
N GLU C 8 -4.63 -5.12 -0.94
CA GLU C 8 -4.94 -6.39 -1.60
C GLU C 8 -6.34 -6.84 -1.19
N THR C 9 -6.72 -6.55 0.05
CA THR C 9 -8.04 -6.91 0.58
C THR C 9 -9.14 -6.08 -0.09
N ILE C 10 -8.84 -4.80 -0.31
CA ILE C 10 -9.77 -3.89 -0.97
C ILE C 10 -10.00 -4.36 -2.40
N ARG C 11 -8.90 -4.71 -3.06
CA ARG C 11 -8.93 -5.17 -4.44
C ARG C 11 -9.86 -6.38 -4.64
N ARG C 12 -9.68 -7.41 -3.82
CA ARG C 12 -10.49 -8.62 -3.92
C ARG C 12 -11.98 -8.41 -3.64
N THR C 13 -12.28 -7.46 -2.75
CA THR C 13 -13.66 -7.14 -2.37
C THR C 13 -14.36 -6.22 -3.37
N LEU C 14 -13.61 -5.25 -3.87
CA LEU C 14 -14.14 -4.26 -4.80
C LEU C 14 -14.41 -4.77 -6.22
N LEU C 15 -13.54 -5.64 -6.72
CA LEU C 15 -13.67 -6.16 -8.08
C LEU C 15 -15.07 -6.69 -8.49
N PRO C 16 -15.62 -7.67 -7.77
CA PRO C 16 -16.94 -8.20 -8.14
C PRO C 16 -18.06 -7.15 -8.11
N LEU C 17 -17.87 -6.09 -7.34
CA LEU C 17 -18.85 -5.02 -7.22
C LEU C 17 -18.83 -4.00 -8.38
N ILE C 18 -17.76 -3.96 -9.15
CA ILE C 18 -17.68 -2.99 -10.24
C ILE C 18 -17.40 -3.56 -11.63
N VAL C 19 -16.83 -4.77 -11.70
CA VAL C 19 -16.52 -5.36 -13.00
C VAL C 19 -17.75 -5.36 -13.91
N GLY C 20 -17.54 -4.97 -15.17
CA GLY C 20 -18.62 -4.94 -16.13
C GLY C 20 -19.51 -3.71 -16.14
N LYS C 21 -19.30 -2.79 -15.21
CA LYS C 21 -20.11 -1.57 -15.18
C LYS C 21 -19.53 -0.46 -16.04
N THR C 22 -20.42 0.33 -16.64
CA THR C 22 -20.03 1.42 -17.53
C THR C 22 -20.18 2.80 -16.91
N ILE C 23 -19.11 3.59 -16.98
CA ILE C 23 -19.05 4.94 -16.44
C ILE C 23 -19.92 5.93 -17.23
N GLU C 24 -20.81 6.61 -16.52
CA GLU C 24 -21.71 7.59 -17.13
C GLU C 24 -21.32 9.03 -16.78
N ASP C 25 -20.72 9.22 -15.61
CA ASP C 25 -20.29 10.57 -15.19
C ASP C 25 -19.21 10.46 -14.11
N VAL C 26 -18.37 11.48 -14.00
CA VAL C 26 -17.32 11.53 -12.99
C VAL C 26 -17.41 12.90 -12.32
N ARG C 27 -17.66 12.90 -11.01
CA ARG C 27 -17.78 14.14 -10.26
C ARG C 27 -16.63 14.31 -9.28
N ILE C 28 -15.99 15.48 -9.32
CA ILE C 28 -14.84 15.78 -8.48
C ILE C 28 -15.08 17.01 -7.60
N PHE C 29 -15.00 16.82 -6.29
CA PHE C 29 -15.24 17.89 -5.34
C PHE C 29 -13.94 18.47 -4.74
N TRP C 30 -12.82 17.80 -4.95
CA TRP C 30 -11.51 18.26 -4.48
C TRP C 30 -10.49 17.96 -5.57
N PRO C 31 -10.30 18.90 -6.51
CA PRO C 31 -9.39 18.85 -7.67
C PRO C 31 -7.95 18.41 -7.46
N ASN C 32 -7.36 18.79 -6.33
CA ASN C 32 -5.97 18.44 -6.04
C ASN C 32 -5.65 16.95 -6.03
N ILE C 33 -6.66 16.11 -5.80
CA ILE C 33 -6.41 14.67 -5.80
C ILE C 33 -6.02 14.20 -7.20
N ILE C 34 -6.55 14.88 -8.21
CA ILE C 34 -6.28 14.55 -9.61
C ILE C 34 -4.88 15.02 -10.01
N ARG C 35 -3.99 14.07 -10.28
CA ARG C 35 -2.61 14.40 -10.65
C ARG C 35 -2.35 14.34 -12.16
N HIS C 36 -3.05 13.47 -12.88
CA HIS C 36 -2.86 13.40 -14.33
C HIS C 36 -4.02 12.77 -15.08
N PRO C 37 -4.54 13.47 -16.10
CA PRO C 37 -4.06 14.80 -16.55
C PRO C 37 -4.31 15.86 -15.48
N ARG C 38 -3.50 16.92 -15.50
CA ARG C 38 -3.62 17.99 -14.52
C ARG C 38 -5.01 18.63 -14.44
N ASP C 39 -5.61 18.86 -15.60
CA ASP C 39 -6.95 19.46 -15.67
C ASP C 39 -7.99 18.43 -15.25
N SER C 40 -8.68 18.69 -14.13
CA SER C 40 -9.68 17.75 -13.63
C SER C 40 -10.88 17.60 -14.55
N GLU C 41 -11.08 18.56 -15.45
CA GLU C 41 -12.20 18.47 -16.39
C GLU C 41 -11.90 17.45 -17.49
N ALA C 42 -10.63 17.33 -17.86
CA ALA C 42 -10.18 16.41 -18.89
C ALA C 42 -10.15 14.99 -18.29
N PHE C 43 -9.77 14.90 -17.02
CA PHE C 43 -9.74 13.64 -16.29
C PHE C 43 -11.14 13.03 -16.35
N ALA C 44 -12.14 13.83 -15.99
CA ALA C 44 -13.53 13.38 -15.99
C ALA C 44 -14.06 12.99 -17.39
N ALA C 45 -13.90 13.89 -18.36
CA ALA C 45 -14.37 13.64 -19.72
C ALA C 45 -13.83 12.37 -20.39
N ARG C 46 -12.55 12.07 -20.20
CA ARG C 46 -11.97 10.89 -20.85
C ARG C 46 -12.46 9.52 -20.35
N MET C 47 -12.95 9.44 -19.12
CA MET C 47 -13.41 8.15 -18.60
C MET C 47 -14.86 7.83 -18.92
N ILE C 48 -15.65 8.88 -19.13
CA ILE C 48 -17.04 8.71 -19.46
C ILE C 48 -17.18 7.80 -20.67
N GLY C 49 -18.01 6.77 -20.53
CA GLY C 49 -18.21 5.84 -21.63
C GLY C 49 -17.39 4.58 -21.57
N GLN C 50 -16.38 4.53 -20.71
CA GLN C 50 -15.55 3.34 -20.58
C GLN C 50 -16.13 2.36 -19.58
N THR C 51 -15.87 1.08 -19.81
CA THR C 51 -16.36 0.02 -18.93
C THR C 51 -15.21 -0.58 -18.10
N VAL C 52 -15.49 -0.90 -16.85
CA VAL C 52 -14.50 -1.49 -15.95
C VAL C 52 -14.25 -2.94 -16.38
N ARG C 53 -13.01 -3.27 -16.69
CA ARG C 53 -12.66 -4.63 -17.12
C ARG C 53 -11.93 -5.43 -16.05
N GLY C 54 -11.32 -4.75 -15.09
CA GLY C 54 -10.61 -5.45 -14.05
C GLY C 54 -9.97 -4.53 -13.02
N LEU C 55 -9.39 -5.13 -12.00
CA LEU C 55 -8.73 -4.39 -10.93
C LEU C 55 -7.49 -5.15 -10.45
N GLU C 56 -6.35 -4.48 -10.55
CA GLU C 56 -5.11 -5.10 -10.11
C GLU C 56 -4.43 -4.25 -9.06
N ARG C 57 -3.32 -4.76 -8.53
CA ARG C 57 -2.56 -4.03 -7.52
C ARG C 57 -1.05 -4.09 -7.81
N ARG C 58 -0.37 -2.98 -7.57
CA ARG C 58 1.07 -2.90 -7.76
C ARG C 58 1.57 -2.13 -6.54
N GLY C 59 2.28 -2.82 -5.65
CA GLY C 59 2.75 -2.16 -4.44
C GLY C 59 1.52 -1.77 -3.65
N LYS C 60 1.44 -0.51 -3.22
CA LYS C 60 0.29 -0.03 -2.47
C LYS C 60 -0.75 0.64 -3.40
N PHE C 61 -0.49 0.63 -4.71
CA PHE C 61 -1.42 1.25 -5.68
C PHE C 61 -2.51 0.29 -6.19
N LEU C 62 -3.67 0.86 -6.50
CA LEU C 62 -4.77 0.09 -7.07
C LEU C 62 -4.77 0.49 -8.54
N LYS C 63 -4.93 -0.49 -9.42
CA LYS C 63 -4.94 -0.22 -10.85
C LYS C 63 -6.28 -0.64 -11.47
N PHE C 64 -7.16 0.34 -11.69
CA PHE C 64 -8.47 0.08 -12.30
C PHE C 64 -8.24 -0.04 -13.80
N LEU C 65 -8.58 -1.19 -14.39
CA LEU C 65 -8.41 -1.39 -15.83
C LEU C 65 -9.73 -1.14 -16.55
N LEU C 66 -9.73 -0.14 -17.42
CA LEU C 66 -10.92 0.23 -18.17
C LEU C 66 -10.82 -0.28 -19.62
N ASP C 67 -11.35 0.48 -20.59
CA ASP C 67 -11.27 0.04 -21.98
C ASP C 67 -9.92 0.39 -22.57
N ARG C 68 -9.61 1.68 -22.58
CA ARG C 68 -8.34 2.14 -23.13
C ARG C 68 -7.40 2.62 -22.03
N ASP C 69 -7.95 3.12 -20.93
CA ASP C 69 -7.12 3.63 -19.86
C ASP C 69 -7.03 2.79 -18.61
N ALA C 70 -6.06 3.15 -17.78
CA ALA C 70 -5.83 2.50 -16.50
C ALA C 70 -5.87 3.66 -15.50
N LEU C 71 -6.66 3.51 -14.44
CA LEU C 71 -6.75 4.53 -13.40
C LEU C 71 -5.88 4.05 -12.23
N ILE C 72 -4.81 4.78 -11.94
CA ILE C 72 -3.91 4.43 -10.86
C ILE C 72 -4.22 5.26 -9.61
N SER C 73 -4.70 4.58 -8.57
CA SER C 73 -5.09 5.21 -7.31
C SER C 73 -4.24 4.83 -6.09
N HIS C 74 -3.77 5.84 -5.35
CA HIS C 74 -2.98 5.62 -4.15
C HIS C 74 -3.76 6.21 -2.97
N LEU C 75 -4.16 5.35 -2.03
CA LEU C 75 -4.94 5.76 -0.86
C LEU C 75 -4.17 6.53 0.22
N ARG C 76 -2.84 6.51 0.16
CA ARG C 76 -2.03 7.19 1.17
C ARG C 76 -2.42 6.78 2.59
N MET C 77 -2.72 7.75 3.44
CA MET C 77 -3.05 7.48 4.83
C MET C 77 -4.50 7.13 5.16
N GLU C 78 -5.47 7.83 4.58
CA GLU C 78 -6.86 7.53 4.92
C GLU C 78 -7.88 7.30 3.80
N GLY C 79 -7.42 7.25 2.55
CA GLY C 79 -8.34 7.03 1.44
C GLY C 79 -9.13 5.74 1.54
N ARG C 80 -10.37 5.77 1.09
CA ARG C 80 -11.24 4.60 1.13
C ARG C 80 -12.28 4.59 0.01
N TYR C 81 -12.60 3.41 -0.49
CA TYR C 81 -13.59 3.23 -1.56
C TYR C 81 -14.81 2.47 -1.08
N ALA C 82 -15.97 2.81 -1.63
CA ALA C 82 -17.23 2.14 -1.30
C ALA C 82 -18.19 2.24 -2.49
N VAL C 83 -19.00 1.20 -2.67
CA VAL C 83 -19.98 1.17 -3.75
C VAL C 83 -21.36 1.32 -3.13
N ALA C 84 -22.20 2.16 -3.74
CA ALA C 84 -23.55 2.39 -3.21
C ALA C 84 -24.52 2.98 -4.23
N SER C 85 -25.79 3.07 -3.83
CA SER C 85 -26.86 3.62 -4.65
C SER C 85 -26.66 5.13 -4.87
N ALA C 86 -26.80 5.56 -6.12
CA ALA C 86 -26.64 6.97 -6.46
C ALA C 86 -27.81 7.82 -5.96
N LEU C 87 -28.87 7.18 -5.49
CA LEU C 87 -30.04 7.89 -4.99
C LEU C 87 -29.94 8.27 -3.51
N GLU C 88 -28.87 7.80 -2.86
CA GLU C 88 -28.64 8.10 -1.45
C GLU C 88 -27.63 9.23 -1.25
N PRO C 89 -27.66 9.88 -0.06
CA PRO C 89 -26.73 10.98 0.24
C PRO C 89 -25.30 10.47 0.50
N LEU C 90 -24.32 11.22 0.04
CA LEU C 90 -22.91 10.87 0.22
C LEU C 90 -22.47 11.01 1.68
N GLU C 91 -21.39 10.32 2.03
CA GLU C 91 -20.85 10.40 3.38
C GLU C 91 -19.92 11.62 3.41
N PRO C 92 -19.57 12.10 4.60
CA PRO C 92 -18.66 13.25 4.66
C PRO C 92 -17.27 12.94 4.12
N HIS C 93 -16.62 13.94 3.55
CA HIS C 93 -15.28 13.79 2.99
C HIS C 93 -15.21 12.93 1.71
N THR C 94 -16.30 12.94 0.94
CA THR C 94 -16.34 12.21 -0.34
C THR C 94 -15.79 13.22 -1.35
N HIS C 95 -14.65 12.89 -1.98
CA HIS C 95 -14.04 13.81 -2.92
C HIS C 95 -14.12 13.48 -4.40
N VAL C 96 -14.31 12.21 -4.72
CA VAL C 96 -14.45 11.79 -6.13
C VAL C 96 -15.53 10.71 -6.23
N VAL C 97 -16.42 10.85 -7.21
CA VAL C 97 -17.48 9.87 -7.42
C VAL C 97 -17.59 9.44 -8.89
N PHE C 98 -17.64 8.13 -9.11
CA PHE C 98 -17.79 7.57 -10.46
C PHE C 98 -19.21 7.02 -10.57
N CYS C 99 -20.02 7.64 -11.41
CA CYS C 99 -21.41 7.20 -11.58
C CYS C 99 -21.54 6.20 -12.73
N PHE C 100 -22.16 5.06 -12.47
CA PHE C 100 -22.34 4.02 -13.48
C PHE C 100 -23.74 4.09 -14.11
N THR C 101 -23.88 3.55 -15.33
CA THR C 101 -25.15 3.57 -16.04
C THR C 101 -26.27 2.78 -15.36
N ASP C 102 -25.93 1.89 -14.42
CA ASP C 102 -26.97 1.13 -13.76
C ASP C 102 -27.52 1.79 -12.48
N GLY C 103 -27.12 3.03 -12.22
CA GLY C 103 -27.64 3.73 -11.05
C GLY C 103 -26.79 3.67 -9.80
N SER C 104 -25.71 2.89 -9.87
CA SER C 104 -24.77 2.71 -8.77
C SER C 104 -23.59 3.65 -8.92
N GLU C 105 -22.73 3.70 -7.90
CA GLU C 105 -21.56 4.58 -7.95
C GLU C 105 -20.43 4.16 -7.02
N LEU C 106 -19.20 4.44 -7.44
CA LEU C 106 -17.99 4.15 -6.67
C LEU C 106 -17.58 5.46 -6.01
N ARG C 107 -17.58 5.49 -4.68
CA ARG C 107 -17.23 6.71 -3.97
C ARG C 107 -15.85 6.63 -3.33
N TYR C 108 -15.11 7.72 -3.46
CA TYR C 108 -13.78 7.82 -2.88
C TYR C 108 -13.79 8.84 -1.74
N ARG C 109 -13.53 8.38 -0.52
CA ARG C 109 -13.48 9.25 0.66
C ARG C 109 -12.03 9.36 1.16
N ASP C 110 -11.67 10.49 1.75
CA ASP C 110 -10.30 10.68 2.21
C ASP C 110 -10.25 11.92 3.11
N VAL C 111 -10.44 11.72 4.42
CA VAL C 111 -10.45 12.83 5.37
C VAL C 111 -9.28 13.82 5.26
N ARG C 112 -8.05 13.33 5.20
CA ARG C 112 -6.89 14.22 5.12
C ARG C 112 -6.50 14.72 3.71
N LYS C 113 -7.18 14.20 2.69
CA LYS C 113 -6.94 14.60 1.30
C LYS C 113 -5.53 14.39 0.75
N PHE C 114 -4.89 13.28 1.12
CA PHE C 114 -3.54 13.00 0.64
C PHE C 114 -3.47 12.10 -0.60
N GLY C 115 -4.56 11.38 -0.87
CA GLY C 115 -4.59 10.47 -2.01
C GLY C 115 -4.38 11.09 -3.37
N THR C 116 -3.90 10.27 -4.32
CA THR C 116 -3.65 10.74 -5.68
C THR C 116 -4.28 9.83 -6.73
N MET C 117 -4.60 10.39 -7.89
CA MET C 117 -5.16 9.63 -9.00
C MET C 117 -4.46 10.03 -10.31
N HIS C 118 -4.01 9.02 -11.06
CA HIS C 118 -3.34 9.21 -12.35
C HIS C 118 -4.04 8.35 -13.42
N VAL C 119 -4.28 8.93 -14.60
CA VAL C 119 -4.90 8.17 -15.68
C VAL C 119 -3.97 8.19 -16.90
N TYR C 120 -3.67 7.00 -17.43
CA TYR C 120 -2.84 6.85 -18.63
C TYR C 120 -3.43 5.71 -19.45
N ALA C 121 -3.03 5.63 -20.72
CA ALA C 121 -3.46 4.53 -21.56
C ALA C 121 -2.82 3.30 -20.91
N LYS C 122 -3.51 2.17 -20.94
CA LYS C 122 -3.02 0.93 -20.34
C LYS C 122 -1.54 0.63 -20.59
N GLU C 123 -1.10 0.84 -21.83
CA GLU C 123 0.28 0.55 -22.22
C GLU C 123 1.34 1.50 -21.64
N GLU C 124 0.94 2.71 -21.25
CA GLU C 124 1.88 3.67 -20.71
C GLU C 124 2.03 3.64 -19.18
N ALA C 125 0.98 3.16 -18.51
CA ALA C 125 0.94 3.10 -17.05
C ALA C 125 2.21 2.63 -16.35
N ASP C 126 2.67 1.43 -16.69
CA ASP C 126 3.86 0.87 -16.07
C ASP C 126 5.19 1.58 -16.37
N ARG C 127 5.20 2.48 -17.34
CA ARG C 127 6.43 3.18 -17.69
C ARG C 127 6.45 4.65 -17.30
N ARG C 128 5.34 5.13 -16.74
CA ARG C 128 5.24 6.52 -16.32
C ARG C 128 5.07 6.56 -14.80
N PRO C 129 5.34 7.72 -14.17
CA PRO C 129 5.17 7.79 -12.72
C PRO C 129 3.68 7.66 -12.41
N PRO C 130 3.33 7.21 -11.20
CA PRO C 130 4.25 6.81 -10.13
C PRO C 130 4.63 5.33 -10.08
N LEU C 131 4.23 4.55 -11.07
CA LEU C 131 4.51 3.12 -11.07
C LEU C 131 5.88 2.71 -11.62
N ALA C 132 6.43 3.53 -12.51
CA ALA C 132 7.71 3.26 -13.17
C ALA C 132 8.88 2.77 -12.31
N GLU C 133 9.20 3.47 -11.23
CA GLU C 133 10.33 3.10 -10.40
C GLU C 133 10.10 2.20 -9.18
N LEU C 134 8.98 1.48 -9.14
CA LEU C 134 8.71 0.61 -7.99
C LEU C 134 9.54 -0.66 -8.01
N GLY C 135 9.82 -1.20 -6.84
CA GLY C 135 10.60 -2.43 -6.73
C GLY C 135 9.72 -3.64 -6.98
N PRO C 136 10.29 -4.85 -6.91
CA PRO C 136 9.48 -6.06 -7.16
C PRO C 136 8.43 -6.34 -6.09
N GLU C 137 7.46 -7.17 -6.45
CA GLU C 137 6.42 -7.57 -5.54
C GLU C 137 7.05 -8.56 -4.55
N PRO C 138 6.83 -8.35 -3.24
CA PRO C 138 7.40 -9.23 -2.22
C PRO C 138 7.03 -10.70 -2.30
N LEU C 139 5.81 -10.99 -2.76
CA LEU C 139 5.36 -12.37 -2.86
C LEU C 139 5.65 -13.02 -4.22
N SER C 140 6.66 -12.51 -4.93
CA SER C 140 7.02 -13.05 -6.23
C SER C 140 8.50 -13.42 -6.28
N PRO C 141 8.88 -14.32 -7.22
CA PRO C 141 10.27 -14.75 -7.37
C PRO C 141 11.25 -13.59 -7.59
N ALA C 142 10.73 -12.46 -8.05
CA ALA C 142 11.55 -11.28 -8.30
C ALA C 142 12.19 -10.76 -7.01
N PHE C 143 11.54 -11.01 -5.88
CA PHE C 143 12.07 -10.58 -4.59
C PHE C 143 12.80 -11.76 -3.97
N SER C 144 14.12 -11.63 -3.86
CA SER C 144 14.96 -12.68 -3.27
C SER C 144 16.04 -12.03 -2.42
N PRO C 145 16.62 -12.80 -1.49
CA PRO C 145 17.68 -12.30 -0.60
C PRO C 145 18.73 -11.48 -1.35
N ALA C 146 19.12 -11.96 -2.51
CA ALA C 146 20.11 -11.28 -3.34
C ALA C 146 19.72 -9.84 -3.58
N VAL C 147 18.47 -9.62 -3.99
CA VAL C 147 17.98 -8.28 -4.26
C VAL C 147 18.13 -7.38 -3.03
N LEU C 148 17.75 -7.92 -1.87
CA LEU C 148 17.83 -7.18 -0.63
C LEU C 148 19.28 -6.88 -0.28
N ALA C 149 20.13 -7.89 -0.41
CA ALA C 149 21.55 -7.76 -0.13
C ALA C 149 22.22 -6.73 -1.05
N GLU C 150 21.87 -6.79 -2.34
CA GLU C 150 22.41 -5.88 -3.33
C GLU C 150 22.15 -4.43 -2.94
N ARG C 151 20.94 -4.15 -2.45
CA ARG C 151 20.58 -2.81 -2.04
C ARG C 151 21.10 -2.51 -0.63
N ALA C 152 21.08 -3.53 0.24
CA ALA C 152 21.55 -3.38 1.62
C ALA C 152 23.02 -2.97 1.68
N VAL C 153 23.89 -3.80 1.09
CA VAL C 153 25.32 -3.53 1.07
C VAL C 153 25.63 -2.49 0.01
N LYS C 154 25.31 -1.24 0.30
CA LYS C 154 25.54 -0.12 -0.62
C LYS C 154 24.85 1.14 -0.09
N THR C 155 24.54 1.15 1.21
CA THR C 155 23.88 2.31 1.80
C THR C 155 24.23 2.40 3.29
N LYS C 156 24.24 3.62 3.82
CA LYS C 156 24.56 3.84 5.22
C LYS C 156 23.34 3.98 6.10
N ARG C 157 22.17 4.14 5.49
CA ARG C 157 20.93 4.31 6.26
C ARG C 157 20.44 3.04 6.98
N SER C 158 19.58 3.25 7.97
CA SER C 158 19.03 2.17 8.78
C SER C 158 18.31 1.13 7.92
N VAL C 159 18.21 -0.09 8.44
CA VAL C 159 17.54 -1.17 7.74
C VAL C 159 16.06 -0.84 7.58
N LYS C 160 15.48 -0.11 8.53
CA LYS C 160 14.08 0.27 8.44
C LYS C 160 13.84 1.24 7.28
N ALA C 161 14.79 2.14 7.03
CA ALA C 161 14.66 3.10 5.93
C ALA C 161 14.74 2.36 4.58
N LEU C 162 15.58 1.34 4.52
CA LEU C 162 15.74 0.56 3.31
C LEU C 162 14.42 -0.13 2.93
N LEU C 163 13.78 -0.76 3.93
CA LEU C 163 12.52 -1.48 3.74
C LEU C 163 11.29 -0.61 3.46
N LEU C 164 11.37 0.67 3.84
CA LEU C 164 10.27 1.60 3.59
C LEU C 164 10.39 2.23 2.20
N ASP C 165 11.55 2.05 1.57
CA ASP C 165 11.83 2.59 0.23
C ASP C 165 11.14 1.72 -0.82
N GLN C 166 10.07 2.25 -1.40
CA GLN C 166 9.31 1.51 -2.40
C GLN C 166 10.11 1.04 -3.63
N THR C 167 11.32 1.57 -3.83
CA THR C 167 12.14 1.17 -4.97
C THR C 167 12.95 -0.09 -4.68
N VAL C 168 13.10 -0.43 -3.40
CA VAL C 168 13.84 -1.62 -2.99
C VAL C 168 12.88 -2.80 -3.13
N VAL C 169 11.74 -2.68 -2.46
CA VAL C 169 10.69 -3.69 -2.48
C VAL C 169 9.42 -2.86 -2.33
N ALA C 170 8.34 -3.26 -2.96
CA ALA C 170 7.11 -2.47 -2.89
C ALA C 170 5.99 -3.06 -2.05
N GLY C 171 5.35 -2.21 -1.25
CA GLY C 171 4.22 -2.69 -0.47
C GLY C 171 4.35 -2.66 1.04
N PHE C 172 5.58 -2.52 1.54
CA PHE C 172 5.78 -2.50 2.99
C PHE C 172 5.61 -1.11 3.59
N GLY C 173 4.91 -1.06 4.71
CA GLY C 173 4.68 0.18 5.42
C GLY C 173 5.11 0.05 6.87
N ASN C 174 4.86 1.09 7.65
CA ASN C 174 5.25 1.14 9.05
C ASN C 174 4.88 -0.08 9.90
N ILE C 175 3.65 -0.55 9.77
CA ILE C 175 3.22 -1.70 10.55
C ILE C 175 3.97 -2.99 10.24
N TYR C 176 4.04 -3.35 8.97
CA TYR C 176 4.69 -4.60 8.60
C TYR C 176 6.21 -4.59 8.55
N VAL C 177 6.82 -3.41 8.57
CA VAL C 177 8.27 -3.32 8.59
C VAL C 177 8.67 -3.65 10.04
N ASP C 178 7.99 -3.01 11.01
CA ASP C 178 8.25 -3.24 12.44
C ASP C 178 8.04 -4.71 12.80
N GLU C 179 6.90 -5.28 12.39
CA GLU C 179 6.60 -6.69 12.66
C GLU C 179 7.62 -7.67 12.05
N SER C 180 8.06 -7.38 10.82
CA SER C 180 9.02 -8.25 10.15
C SER C 180 10.40 -8.19 10.81
N LEU C 181 10.80 -7.01 11.24
CA LEU C 181 12.10 -6.86 11.87
C LEU C 181 12.12 -7.60 13.22
N PHE C 182 11.00 -7.56 13.94
CA PHE C 182 10.90 -8.25 15.23
C PHE C 182 11.06 -9.75 15.04
N ARG C 183 10.28 -10.32 14.11
CA ARG C 183 10.32 -11.74 13.84
C ARG C 183 11.67 -12.24 13.35
N ALA C 184 12.41 -11.39 12.64
CA ALA C 184 13.73 -11.75 12.13
C ALA C 184 14.75 -11.50 13.24
N GLY C 185 14.31 -10.79 14.28
CA GLY C 185 15.18 -10.48 15.40
C GLY C 185 16.25 -9.46 15.06
N ILE C 186 15.84 -8.35 14.44
CA ILE C 186 16.78 -7.30 14.05
C ILE C 186 16.34 -5.90 14.49
N LEU C 187 17.25 -5.14 15.10
CA LEU C 187 16.94 -3.78 15.54
C LEU C 187 16.74 -2.87 14.33
N PRO C 188 15.60 -2.17 14.28
CA PRO C 188 15.25 -1.26 13.19
C PRO C 188 16.24 -0.13 12.90
N GLY C 189 16.75 0.50 13.93
CA GLY C 189 17.66 1.62 13.74
C GLY C 189 19.12 1.34 13.39
N ARG C 190 19.44 0.11 13.01
CA ARG C 190 20.82 -0.20 12.68
C ARG C 190 21.14 -0.17 11.19
N PRO C 191 22.38 0.23 10.85
CA PRO C 191 22.86 0.32 9.47
C PRO C 191 22.54 -0.93 8.66
N ALA C 192 21.91 -0.74 7.50
CA ALA C 192 21.55 -1.87 6.64
C ALA C 192 22.83 -2.55 6.14
N ALA C 193 23.92 -1.81 6.13
CA ALA C 193 25.20 -2.31 5.67
C ALA C 193 25.85 -3.27 6.69
N SER C 194 25.36 -3.24 7.93
CA SER C 194 25.90 -4.10 8.98
C SER C 194 25.22 -5.47 9.06
N LEU C 195 24.21 -5.69 8.23
CA LEU C 195 23.51 -6.97 8.23
C LEU C 195 24.29 -8.04 7.49
N SER C 196 24.31 -9.25 8.05
CA SER C 196 25.05 -10.36 7.46
C SER C 196 24.21 -11.19 6.50
N SER C 197 24.86 -12.07 5.76
CA SER C 197 24.18 -12.94 4.81
C SER C 197 23.13 -13.75 5.57
N LYS C 198 23.45 -14.13 6.80
CA LYS C 198 22.54 -14.91 7.62
C LYS C 198 21.33 -14.07 8.01
N GLU C 199 21.58 -12.82 8.38
CA GLU C 199 20.52 -11.90 8.78
C GLU C 199 19.61 -11.53 7.60
N ILE C 200 20.22 -11.13 6.49
CA ILE C 200 19.46 -10.75 5.30
C ILE C 200 18.55 -11.88 4.83
N GLU C 201 19.05 -13.11 4.89
CA GLU C 201 18.25 -14.25 4.47
C GLU C 201 17.05 -14.47 5.39
N ARG C 202 17.28 -14.42 6.70
CA ARG C 202 16.18 -14.62 7.64
C ARG C 202 15.12 -13.51 7.49
N LEU C 203 15.59 -12.27 7.32
CA LEU C 203 14.70 -11.13 7.15
C LEU C 203 13.83 -11.31 5.91
N HIS C 204 14.47 -11.72 4.82
CA HIS C 204 13.76 -11.96 3.58
C HIS C 204 12.65 -12.97 3.84
N GLU C 205 12.98 -13.98 4.63
CA GLU C 205 12.02 -15.03 4.96
C GLU C 205 10.87 -14.55 5.84
N GLU C 206 11.16 -13.75 6.86
CA GLU C 206 10.10 -13.24 7.73
C GLU C 206 9.20 -12.22 7.03
N MET C 207 9.78 -11.46 6.09
CA MET C 207 9.02 -10.47 5.34
C MET C 207 7.96 -11.16 4.50
N VAL C 208 8.38 -12.19 3.77
CA VAL C 208 7.47 -12.95 2.92
C VAL C 208 6.40 -13.62 3.76
N ALA C 209 6.81 -14.26 4.86
CA ALA C 209 5.85 -14.95 5.73
C ALA C 209 4.87 -14.00 6.41
N THR C 210 5.36 -12.85 6.85
CA THR C 210 4.52 -11.87 7.54
C THR C 210 3.45 -11.26 6.62
N ILE C 211 3.87 -10.80 5.45
CA ILE C 211 2.96 -10.19 4.49
C ILE C 211 1.98 -11.24 3.95
N GLY C 212 2.45 -12.49 3.85
CA GLY C 212 1.58 -13.55 3.35
C GLY C 212 0.45 -13.87 4.32
N GLU C 213 0.78 -13.97 5.60
CA GLU C 213 -0.21 -14.26 6.63
C GLU C 213 -1.21 -13.13 6.73
N ALA C 214 -0.70 -11.89 6.67
CA ALA C 214 -1.55 -10.71 6.76
C ALA C 214 -2.63 -10.67 5.68
N VAL C 215 -2.27 -11.02 4.44
CA VAL C 215 -3.25 -11.02 3.36
C VAL C 215 -4.31 -12.08 3.65
N MET C 216 -3.87 -13.28 4.02
CA MET C 216 -4.80 -14.35 4.33
C MET C 216 -5.76 -13.94 5.44
N LYS C 217 -5.31 -13.11 6.37
CA LYS C 217 -6.20 -12.67 7.46
C LYS C 217 -6.95 -11.38 7.14
N GLY C 218 -6.87 -10.94 5.89
CA GLY C 218 -7.56 -9.73 5.47
C GLY C 218 -6.97 -8.42 5.96
N GLY C 219 -5.70 -8.41 6.33
CA GLY C 219 -5.07 -7.20 6.81
C GLY C 219 -5.34 -6.86 8.27
N SER C 220 -4.91 -5.66 8.68
CA SER C 220 -5.07 -5.20 10.05
C SER C 220 -6.03 -4.01 10.10
N PHE C 235 -5.92 -9.36 11.63
CA PHE C 235 -4.51 -9.70 11.83
C PHE C 235 -3.89 -8.86 12.96
N GLN C 236 -4.63 -7.88 13.47
CA GLN C 236 -4.10 -7.05 14.53
C GLN C 236 -3.92 -7.85 15.82
N HIS C 237 -4.57 -9.01 15.88
CA HIS C 237 -4.44 -9.88 17.05
C HIS C 237 -3.19 -10.72 16.91
N HIS C 238 -2.48 -10.52 15.80
CA HIS C 238 -1.26 -11.26 15.54
C HIS C 238 -0.02 -10.37 15.53
N LEU C 239 -0.17 -9.13 15.99
CA LEU C 239 0.94 -8.19 16.03
C LEU C 239 1.78 -8.40 17.27
N TYR C 240 3.10 -8.35 17.12
CA TYR C 240 4.02 -8.54 18.24
C TYR C 240 4.45 -7.21 18.84
N VAL C 241 4.72 -6.22 17.99
CA VAL C 241 5.21 -4.94 18.47
C VAL C 241 4.42 -3.67 18.13
N TYR C 242 3.90 -3.56 16.91
CA TYR C 242 3.18 -2.35 16.52
C TYR C 242 2.04 -1.95 17.46
N GLY C 243 2.11 -0.71 17.94
CA GLY C 243 1.11 -0.19 18.84
C GLY C 243 1.09 -0.79 20.25
N ARG C 244 2.12 -1.55 20.63
CA ARG C 244 2.15 -2.18 21.95
C ARG C 244 3.19 -1.62 22.93
N GLN C 245 3.64 -0.39 22.70
CA GLN C 245 4.63 0.22 23.58
C GLN C 245 4.15 0.16 25.03
N GLY C 246 5.03 -0.32 25.90
CA GLY C 246 4.69 -0.41 27.31
C GLY C 246 4.12 -1.74 27.75
N ASN C 247 3.70 -2.56 26.80
CA ASN C 247 3.14 -3.87 27.10
C ASN C 247 4.22 -4.93 26.99
N PRO C 248 4.06 -6.05 27.71
CA PRO C 248 5.06 -7.14 27.68
C PRO C 248 5.18 -7.84 26.33
N CYS C 249 6.40 -8.23 25.98
CA CYS C 249 6.67 -8.94 24.74
C CYS C 249 5.96 -10.28 24.84
N LYS C 250 5.31 -10.69 23.75
CA LYS C 250 4.59 -11.96 23.71
C LYS C 250 5.52 -13.19 23.78
N ARG C 251 6.82 -12.99 23.56
CA ARG C 251 7.75 -14.09 23.61
C ARG C 251 8.74 -14.08 24.79
N CYS C 252 9.18 -12.91 25.20
CA CYS C 252 10.13 -12.87 26.32
C CYS C 252 9.61 -12.13 27.55
N GLY C 253 8.52 -11.37 27.40
CA GLY C 253 7.97 -10.62 28.51
C GLY C 253 8.52 -9.22 28.74
N THR C 254 9.62 -8.86 28.07
CA THR C 254 10.20 -7.53 28.22
C THR C 254 9.26 -6.46 27.65
N PRO C 255 9.12 -5.31 28.33
CA PRO C 255 8.23 -4.24 27.85
C PRO C 255 8.62 -3.77 26.44
N ILE C 256 7.63 -3.62 25.55
CA ILE C 256 7.90 -3.17 24.18
C ILE C 256 8.24 -1.68 24.17
N GLU C 257 9.21 -1.28 23.36
CA GLU C 257 9.60 0.12 23.29
C GLU C 257 9.25 0.87 22.01
N LYS C 258 9.15 2.19 22.14
CA LYS C 258 8.82 3.05 21.01
C LYS C 258 9.69 4.29 20.96
N THR C 259 10.29 4.53 19.78
CA THR C 259 11.15 5.68 19.53
C THR C 259 10.89 6.15 18.09
N VAL C 260 11.81 6.94 17.54
CA VAL C 260 11.67 7.43 16.18
C VAL C 260 12.88 7.02 15.33
N VAL C 261 12.60 6.49 14.14
CA VAL C 261 13.63 6.06 13.21
C VAL C 261 13.11 6.32 11.80
N ALA C 262 13.92 6.97 10.98
CA ALA C 262 13.52 7.28 9.60
C ALA C 262 12.33 8.23 9.65
N GLY C 263 12.34 9.13 10.62
CA GLY C 263 11.27 10.10 10.78
C GLY C 263 9.92 9.51 11.11
N ARG C 264 9.88 8.30 11.67
CA ARG C 264 8.60 7.68 11.99
C ARG C 264 8.58 6.86 13.28
N GLY C 265 7.39 6.74 13.86
CA GLY C 265 7.24 5.97 15.09
C GLY C 265 7.70 4.54 14.84
N THR C 266 8.57 4.04 15.71
CA THR C 266 9.12 2.69 15.55
C THR C 266 8.99 1.87 16.84
N HIS C 267 8.44 0.66 16.72
CA HIS C 267 8.25 -0.23 17.87
C HIS C 267 9.17 -1.44 17.81
N TYR C 268 9.64 -1.90 18.96
CA TYR C 268 10.54 -3.05 19.01
C TYR C 268 10.77 -3.61 20.42
N CYS C 269 11.36 -4.81 20.47
CA CYS C 269 11.69 -5.44 21.75
C CYS C 269 13.22 -5.41 21.89
N PRO C 270 13.74 -4.69 22.91
CA PRO C 270 15.17 -4.58 23.14
C PRO C 270 15.91 -5.90 23.41
N ARG C 271 15.16 -6.95 23.76
CA ARG C 271 15.79 -8.24 24.03
C ARG C 271 15.75 -9.21 22.84
N CYS C 272 14.57 -9.39 22.24
CA CYS C 272 14.45 -10.30 21.10
C CYS C 272 15.15 -9.73 19.85
N GLN C 273 15.28 -8.42 19.78
CA GLN C 273 15.90 -7.76 18.64
C GLN C 273 17.30 -7.22 18.94
N ARG C 274 18.24 -7.47 18.03
CA ARG C 274 19.61 -7.00 18.21
C ARG C 274 20.20 -6.35 16.95
ZN ZN D . 11.03 -10.04 23.39
#